data_5J8X
#
_entry.id   5J8X
#
_cell.length_a   50.223
_cell.length_b   61.606
_cell.length_c   138.430
_cell.angle_alpha   90.000
_cell.angle_beta   90.000
_cell.angle_gamma   90.000
#
_symmetry.space_group_name_H-M   'P 2 21 21'
#
loop_
_entity.id
_entity.type
_entity.pdbx_description
1 polymer 'D-alanyl-D-alanine carboxypeptidase DacA'
2 non-polymer '(4~{R})-4-[[4-(aminomethyl)phenyl]carbonylamino]-3,3-bis(oxidanyl)-2-oxa-3-boranuidabicyclo[4.4.0]deca-1(10),6,8-triene-10-carboxylic acid'
3 water water
#
_entity_poly.entity_id   1
_entity_poly.type   'polypeptide(L)'
_entity_poly.pdbx_seq_one_letter_code
;MGSSHHHHHHSSGLVPRGSHMASDDLNIKTMIPGVPQIDAESYILIDYNSGKVLAEQNADVRRDPASLTKMMTSYVIGQA
MKAGKFKETDLVTIGNDAWATGNPVFKGSSLMFLKPGMQVPVSQLIRGINLQSGNDACVAMADFAAGSQDAFVGLMNSYV
NALGLKNTHFQTVHGLDADGQYSSARDMALIGQALIRDVPNEYSIYKEKEFTFNGIRQLNRNGLLWDNSLNVDGIKTGHT
DKAGYNLVASATEGQMRLISAVMGGRTFKGREAESKKLLTWGFRFFETVNPLKVGKEFASEPVWFGDSDRASLGVDKDVY
LTIPRGRMKDLKASYVLNSSELHAPLQKNQVVGTINFQLDGKTIEQRPLVVLQEIPEGNFFGKIIDC
;
_entity_poly.pdbx_strand_id   A
#
loop_
_chem_comp.id
_chem_comp.type
_chem_comp.name
_chem_comp.formula
OK3 non-polymer '(4~{R})-4-[[4-(aminomethyl)phenyl]carbonylamino]-3,3-bis(oxidanyl)-2-oxa-3-boranuidabicyclo[4.4.0]deca-1(10),6,8-triene-10-carboxylic acid' 'C17 H18 B N2 O6 -1'
#
# COMPACT_ATOMS: atom_id res chain seq x y z
N ASN A 27 -0.10 -18.02 28.86
CA ASN A 27 0.13 -18.10 27.42
C ASN A 27 -0.82 -17.18 26.65
N ILE A 28 -1.50 -16.29 27.37
CA ILE A 28 -2.42 -15.35 26.73
C ILE A 28 -1.66 -14.34 25.86
N LYS A 29 -0.46 -13.96 26.30
CA LYS A 29 0.32 -12.97 25.55
C LYS A 29 0.92 -13.58 24.28
N THR A 30 1.39 -14.82 24.36
CA THR A 30 2.19 -15.43 23.30
C THR A 30 1.38 -16.35 22.40
N MET A 31 0.10 -16.06 22.19
CA MET A 31 -0.75 -16.93 21.37
C MET A 31 -0.80 -16.44 19.93
N ILE A 32 -1.08 -17.36 19.03
CA ILE A 32 -1.29 -17.06 17.60
C ILE A 32 -2.78 -17.06 17.34
N PRO A 33 -3.40 -15.93 16.99
CA PRO A 33 -4.87 -15.92 16.86
C PRO A 33 -5.36 -16.73 15.69
N GLY A 34 -6.50 -17.40 15.90
CA GLY A 34 -7.18 -18.04 14.79
C GLY A 34 -7.80 -17.02 13.86
N VAL A 35 -7.79 -17.36 12.56
CA VAL A 35 -8.28 -16.45 11.53
C VAL A 35 -9.77 -16.68 11.33
N PRO A 36 -10.56 -15.65 11.06
CA PRO A 36 -11.98 -15.88 10.76
C PRO A 36 -12.15 -16.61 9.44
N GLN A 37 -13.28 -17.31 9.32
CA GLN A 37 -13.63 -17.96 8.07
C GLN A 37 -14.12 -16.90 7.08
N ILE A 38 -13.38 -16.74 5.98
CA ILE A 38 -13.69 -15.73 4.97
C ILE A 38 -14.34 -16.41 3.78
N ASP A 39 -15.49 -15.89 3.36
CA ASP A 39 -16.28 -16.47 2.27
C ASP A 39 -15.80 -15.91 0.94
N ALA A 40 -14.56 -16.26 0.60
CA ALA A 40 -13.97 -15.88 -0.66
C ALA A 40 -12.86 -16.88 -0.97
N GLU A 41 -12.49 -16.95 -2.25
CA GLU A 41 -11.46 -17.91 -2.65
C GLU A 41 -10.08 -17.45 -2.21
N SER A 42 -9.76 -16.17 -2.38
CA SER A 42 -8.45 -15.63 -2.03
C SER A 42 -8.63 -14.42 -1.12
N TYR A 43 -7.70 -14.25 -0.18
CA TYR A 43 -7.67 -13.03 0.60
C TYR A 43 -6.29 -12.86 1.20
N ILE A 44 -5.98 -11.63 1.58
CA ILE A 44 -4.75 -11.29 2.27
C ILE A 44 -4.97 -10.02 3.08
N LEU A 45 -4.27 -9.92 4.20
CA LEU A 45 -4.36 -8.77 5.08
C LEU A 45 -2.94 -8.37 5.46
N ILE A 46 -2.57 -7.11 5.21
CA ILE A 46 -1.21 -6.65 5.46
C ILE A 46 -1.27 -5.34 6.23
N ASP A 47 -0.15 -5.00 6.86
CA ASP A 47 0.04 -3.70 7.46
C ASP A 47 0.70 -2.77 6.44
N TYR A 48 0.17 -1.55 6.32
CA TYR A 48 0.66 -0.62 5.31
C TYR A 48 2.10 -0.21 5.57
N ASN A 49 2.46 0.03 6.83
CA ASN A 49 3.77 0.58 7.12
C ASN A 49 4.86 -0.49 7.10
N SER A 50 4.63 -1.61 7.77
CA SER A 50 5.65 -2.64 7.94
C SER A 50 5.58 -3.76 6.91
N GLY A 51 4.55 -3.76 6.05
CA GLY A 51 4.41 -4.82 5.07
C GLY A 51 4.10 -6.19 5.63
N LYS A 52 3.96 -6.32 6.94
CA LYS A 52 3.71 -7.62 7.56
C LYS A 52 2.39 -8.20 7.05
N VAL A 53 2.40 -9.50 6.79
CA VAL A 53 1.20 -10.24 6.41
C VAL A 53 0.58 -10.82 7.67
N LEU A 54 -0.65 -10.40 7.98
CA LEU A 54 -1.35 -10.87 9.18
C LEU A 54 -2.19 -12.11 8.91
N ALA A 55 -2.68 -12.28 7.69
CA ALA A 55 -3.47 -13.44 7.32
C ALA A 55 -3.51 -13.53 5.80
N GLU A 56 -3.55 -14.76 5.30
CA GLU A 56 -3.60 -14.96 3.86
C GLU A 56 -4.25 -16.31 3.56
N GLN A 57 -4.81 -16.42 2.36
CA GLN A 57 -5.37 -17.68 1.88
C GLN A 57 -5.38 -17.60 0.36
N ASN A 58 -4.57 -18.44 -0.29
CA ASN A 58 -4.46 -18.43 -1.74
C ASN A 58 -4.13 -17.03 -2.25
N ALA A 59 -3.28 -16.33 -1.50
CA ALA A 59 -2.96 -14.94 -1.83
C ALA A 59 -2.13 -14.82 -3.09
N ASP A 60 -1.52 -15.91 -3.55
CA ASP A 60 -0.70 -15.89 -4.76
C ASP A 60 -1.34 -16.60 -5.94
N VAL A 61 -2.54 -17.16 -5.79
CA VAL A 61 -3.23 -17.77 -6.91
C VAL A 61 -3.61 -16.69 -7.91
N ARG A 62 -3.38 -16.96 -9.19
CA ARG A 62 -3.64 -15.99 -10.25
C ARG A 62 -5.11 -16.06 -10.63
N ARG A 63 -5.83 -14.94 -10.44
CA ARG A 63 -7.25 -14.84 -10.75
C ARG A 63 -7.49 -13.71 -11.75
N ASP A 64 -8.71 -13.66 -12.24
CA ASP A 64 -9.14 -12.48 -13.00
C ASP A 64 -9.32 -11.32 -12.03
N PRO A 65 -8.77 -10.13 -12.34
CA PRO A 65 -8.81 -9.04 -11.36
C PRO A 65 -10.09 -8.22 -11.40
N ALA A 66 -10.87 -8.31 -12.47
CA ALA A 66 -12.02 -7.45 -12.64
C ALA A 66 -11.59 -6.00 -12.46
N SER A 67 -12.51 -5.15 -12.02
CA SER A 67 -12.27 -3.64 -11.96
C SER A 67 -11.15 -3.28 -10.95
N LEU A 68 -10.63 -4.24 -10.20
CA LEU A 68 -9.45 -3.95 -9.39
C LEU A 68 -8.32 -3.49 -10.30
N THR A 69 -8.33 -3.94 -11.56
CA THR A 69 -7.41 -3.42 -12.56
C THR A 69 -7.36 -1.91 -12.51
N LYS A 70 -8.51 -1.26 -12.27
CA LYS A 70 -8.59 0.19 -12.31
C LYS A 70 -7.71 0.84 -11.24
N MET A 71 -7.27 0.10 -10.22
CA MET A 71 -6.27 0.64 -9.32
C MET A 71 -4.99 0.96 -10.08
N MET A 72 -4.53 0.03 -10.90
CA MET A 72 -3.31 0.28 -11.67
C MET A 72 -3.53 1.39 -12.70
N THR A 73 -4.69 1.37 -13.36
CA THR A 73 -5.06 2.49 -14.23
C THR A 73 -5.00 3.82 -13.49
N SER A 74 -5.51 3.83 -12.25
CA SER A 74 -5.43 5.03 -11.43
C SER A 74 -4.00 5.33 -11.01
N TYR A 75 -3.18 4.29 -10.84
CA TYR A 75 -1.77 4.50 -10.48
C TYR A 75 -1.01 5.16 -11.62
N VAL A 76 -1.18 4.66 -12.85
CA VAL A 76 -0.56 5.30 -14.00
C VAL A 76 -0.98 6.77 -14.09
N ILE A 77 -2.29 7.03 -13.98
CA ILE A 77 -2.77 8.40 -14.07
C ILE A 77 -2.20 9.25 -12.94
N GLY A 78 -2.20 8.72 -11.72
CA GLY A 78 -1.67 9.46 -10.59
C GLY A 78 -0.22 9.87 -10.78
N GLN A 79 0.58 8.98 -11.36
CA GLN A 79 2.00 9.28 -11.58
C GLN A 79 2.16 10.41 -12.59
N ALA A 80 1.34 10.42 -13.64
CA ALA A 80 1.44 11.45 -14.67
C ALA A 80 1.09 12.83 -14.09
N MET A 81 -0.02 12.93 -13.36
CA MET A 81 -0.38 14.20 -12.74
C MET A 81 0.69 14.62 -11.73
N LYS A 82 1.11 13.68 -10.87
CA LYS A 82 2.20 13.96 -9.95
C LYS A 82 3.43 14.45 -10.71
N ALA A 83 3.71 13.86 -11.87
CA ALA A 83 4.81 14.32 -12.69
C ALA A 83 4.53 15.67 -13.34
N GLY A 84 3.27 16.10 -13.38
CA GLY A 84 2.90 17.37 -13.96
C GLY A 84 2.47 17.31 -15.41
N LYS A 85 2.24 16.12 -15.96
CA LYS A 85 1.92 15.99 -17.38
C LYS A 85 0.59 16.64 -17.73
N PHE A 86 -0.42 16.50 -16.86
CA PHE A 86 -1.68 17.19 -17.07
C PHE A 86 -2.32 17.49 -15.72
N LYS A 87 -3.12 18.56 -15.69
CA LYS A 87 -3.77 18.98 -14.47
C LYS A 87 -5.13 18.30 -14.34
N GLU A 88 -5.69 18.38 -13.14
CA GLU A 88 -7.04 17.84 -12.91
C GLU A 88 -8.12 18.71 -13.57
N THR A 89 -7.79 19.93 -13.97
CA THR A 89 -8.73 20.83 -14.65
C THR A 89 -8.70 20.69 -16.16
N ASP A 90 -7.74 19.94 -16.72
CA ASP A 90 -7.66 19.81 -18.17
C ASP A 90 -8.87 19.07 -18.71
N LEU A 91 -9.29 19.46 -19.92
CA LEU A 91 -10.45 18.87 -20.58
C LEU A 91 -10.00 17.78 -21.55
N VAL A 92 -10.81 16.73 -21.65
CA VAL A 92 -10.54 15.61 -22.54
C VAL A 92 -11.70 15.48 -23.52
N THR A 93 -11.40 15.50 -24.82
CA THR A 93 -12.40 15.30 -25.85
C THR A 93 -12.52 13.82 -26.17
N ILE A 94 -13.75 13.37 -26.40
CA ILE A 94 -14.08 11.95 -26.46
C ILE A 94 -14.17 11.49 -27.90
N GLY A 95 -13.77 10.24 -28.13
CA GLY A 95 -13.99 9.54 -29.39
C GLY A 95 -13.67 8.08 -29.19
N ASN A 96 -14.27 7.15 -29.94
CA ASN A 96 -15.23 7.42 -31.01
C ASN A 96 -16.26 6.30 -31.07
N MET A 112 -20.70 6.02 -17.42
CA MET A 112 -20.83 7.47 -17.46
C MET A 112 -21.63 7.91 -18.69
N PHE A 113 -21.63 7.09 -19.72
CA PHE A 113 -22.32 7.39 -20.98
C PHE A 113 -21.75 8.64 -21.63
N LEU A 114 -20.48 8.56 -21.99
CA LEU A 114 -19.80 9.63 -22.71
C LEU A 114 -20.12 9.53 -24.20
N LYS A 115 -20.05 10.68 -24.87
CA LYS A 115 -20.34 10.72 -26.30
C LYS A 115 -19.20 11.42 -27.03
N PRO A 116 -18.97 11.09 -28.30
CA PRO A 116 -17.94 11.80 -29.07
C PRO A 116 -18.18 13.31 -29.03
N GLY A 117 -17.08 14.06 -29.06
CA GLY A 117 -17.14 15.51 -28.99
C GLY A 117 -17.37 16.08 -27.61
N MET A 118 -17.71 15.23 -26.63
CA MET A 118 -17.91 15.70 -25.28
C MET A 118 -16.56 16.12 -24.67
N GLN A 119 -16.57 17.23 -23.96
CA GLN A 119 -15.37 17.74 -23.28
C GLN A 119 -15.56 17.55 -21.78
N VAL A 120 -14.76 16.66 -21.20
CA VAL A 120 -14.92 16.23 -19.82
C VAL A 120 -13.63 16.55 -19.07
N PRO A 121 -13.67 17.28 -17.96
CA PRO A 121 -12.44 17.52 -17.20
C PRO A 121 -11.83 16.22 -16.69
N VAL A 122 -10.50 16.21 -16.62
CA VAL A 122 -9.80 15.05 -16.06
C VAL A 122 -10.35 14.71 -14.68
N SER A 123 -10.72 15.74 -13.90
CA SER A 123 -11.26 15.51 -12.57
C SER A 123 -12.46 14.57 -12.61
N GLN A 124 -13.34 14.74 -13.60
CA GLN A 124 -14.54 13.93 -13.66
C GLN A 124 -14.27 12.52 -14.14
N LEU A 125 -13.29 12.33 -15.04
CA LEU A 125 -13.03 11.01 -15.56
C LEU A 125 -12.35 10.12 -14.53
N ILE A 126 -11.40 10.68 -13.77
CA ILE A 126 -10.72 9.87 -12.77
C ILE A 126 -11.69 9.48 -11.66
N ARG A 127 -12.68 10.33 -11.36
CA ARG A 127 -13.72 9.95 -10.41
C ARG A 127 -14.67 8.92 -11.00
N GLY A 128 -14.99 9.05 -12.30
CA GLY A 128 -15.72 8.00 -12.98
C GLY A 128 -15.01 6.65 -12.91
N ILE A 129 -13.68 6.66 -12.87
CA ILE A 129 -12.94 5.42 -12.76
C ILE A 129 -12.97 4.89 -11.33
N ASN A 130 -12.61 5.75 -10.37
CA ASN A 130 -12.37 5.31 -9.00
C ASN A 130 -13.69 5.08 -8.25
N LEU A 131 -14.64 6.01 -8.36
CA LEU A 131 -15.87 5.90 -7.60
C LEU A 131 -16.89 5.01 -8.30
N GLN A 132 -17.03 5.16 -9.62
CA GLN A 132 -18.09 4.50 -10.37
C GLN A 132 -17.65 3.24 -11.08
N SER A 133 -16.35 3.06 -11.30
CA SER A 133 -15.84 1.91 -12.03
C SER A 133 -16.25 1.98 -13.51
N GLY A 134 -16.27 3.19 -14.07
CA GLY A 134 -16.68 3.35 -15.45
C GLY A 134 -15.61 2.85 -16.41
N ASN A 135 -15.95 1.87 -17.24
CA ASN A 135 -15.00 1.35 -18.23
C ASN A 135 -14.75 2.36 -19.34
N ASP A 136 -15.76 3.15 -19.71
CA ASP A 136 -15.56 4.16 -20.73
C ASP A 136 -14.62 5.25 -20.26
N ALA A 137 -14.64 5.59 -18.97
CA ALA A 137 -13.73 6.61 -18.46
C ALA A 137 -12.28 6.13 -18.51
N CYS A 138 -12.07 4.82 -18.34
CA CYS A 138 -10.72 4.27 -18.44
C CYS A 138 -10.19 4.42 -19.86
N VAL A 139 -11.00 4.07 -20.85
CA VAL A 139 -10.59 4.19 -22.25
C VAL A 139 -10.24 5.64 -22.58
N ALA A 140 -11.10 6.56 -22.20
CA ALA A 140 -10.85 7.98 -22.47
C ALA A 140 -9.53 8.43 -21.86
N MET A 141 -9.32 8.13 -20.57
CA MET A 141 -8.09 8.54 -19.90
C MET A 141 -6.87 7.82 -20.46
N ALA A 142 -7.06 6.61 -20.99
CA ALA A 142 -5.93 5.88 -21.54
C ALA A 142 -5.45 6.51 -22.84
N ASP A 143 -6.38 6.84 -23.74
CA ASP A 143 -6.02 7.55 -24.96
C ASP A 143 -5.44 8.93 -24.64
N PHE A 144 -5.90 9.54 -23.55
CA PHE A 144 -5.45 10.89 -23.21
C PHE A 144 -4.08 10.88 -22.55
N ALA A 145 -3.74 9.83 -21.81
CA ALA A 145 -2.50 9.79 -21.06
C ALA A 145 -1.37 9.14 -21.84
N ALA A 146 -1.67 8.13 -22.66
CA ALA A 146 -0.64 7.41 -23.40
C ALA A 146 -0.86 7.41 -24.91
N GLY A 147 -1.97 7.97 -25.39
CA GLY A 147 -2.25 8.03 -26.81
C GLY A 147 -3.02 6.84 -27.35
N SER A 148 -2.98 5.71 -26.67
CA SER A 148 -3.71 4.52 -27.11
C SER A 148 -3.83 3.56 -25.93
N GLN A 149 -4.77 2.63 -26.05
CA GLN A 149 -4.98 1.66 -24.98
C GLN A 149 -3.80 0.70 -24.85
N ASP A 150 -3.20 0.31 -25.98
CA ASP A 150 -2.04 -0.57 -25.92
C ASP A 150 -0.85 0.12 -25.27
N ALA A 151 -0.62 1.39 -25.61
CA ALA A 151 0.44 2.13 -24.94
C ALA A 151 0.16 2.29 -23.46
N PHE A 152 -1.12 2.37 -23.08
CA PHE A 152 -1.46 2.54 -21.68
C PHE A 152 -1.34 1.21 -20.93
N VAL A 153 -1.69 0.10 -21.57
CA VAL A 153 -1.50 -1.20 -20.93
C VAL A 153 -0.02 -1.51 -20.79
N GLY A 154 0.80 -1.04 -21.72
CA GLY A 154 2.24 -1.22 -21.57
C GLY A 154 2.78 -0.53 -20.34
N LEU A 155 2.27 0.67 -20.03
CA LEU A 155 2.70 1.35 -18.82
C LEU A 155 2.23 0.61 -17.58
N MET A 156 0.96 0.18 -17.57
CA MET A 156 0.46 -0.60 -16.44
C MET A 156 1.39 -1.76 -16.12
N ASN A 157 1.79 -2.51 -17.15
CA ASN A 157 2.66 -3.68 -16.95
C ASN A 157 4.10 -3.28 -16.66
N SER A 158 4.51 -2.07 -17.02
CA SER A 158 5.83 -1.59 -16.63
C SER A 158 5.89 -1.32 -15.13
N TYR A 159 4.84 -0.72 -14.59
CA TYR A 159 4.78 -0.51 -13.15
C TYR A 159 4.61 -1.82 -12.40
N VAL A 160 3.95 -2.81 -13.02
CA VAL A 160 3.85 -4.13 -12.41
C VAL A 160 5.24 -4.66 -12.08
N ASN A 161 6.16 -4.59 -13.06
CA ASN A 161 7.51 -5.04 -12.83
C ASN A 161 8.26 -4.11 -11.88
N ALA A 162 8.03 -2.79 -12.02
CA ALA A 162 8.66 -1.84 -11.11
C ALA A 162 8.29 -2.12 -9.67
N LEU A 163 7.10 -2.65 -9.42
CA LEU A 163 6.69 -3.02 -8.07
C LEU A 163 7.11 -4.43 -7.69
N GLY A 164 7.67 -5.21 -8.61
CA GLY A 164 8.11 -6.56 -8.31
C GLY A 164 7.00 -7.60 -8.27
N LEU A 165 5.80 -7.29 -8.75
CA LEU A 165 4.71 -8.25 -8.74
C LEU A 165 5.02 -9.42 -9.68
N LYS A 166 4.97 -10.63 -9.13
CA LYS A 166 5.30 -11.84 -9.87
C LYS A 166 4.06 -12.57 -10.39
N ASN A 167 2.86 -12.10 -10.06
CA ASN A 167 1.63 -12.79 -10.41
C ASN A 167 0.58 -11.81 -10.92
N THR A 168 0.99 -10.90 -11.79
CA THR A 168 0.07 -9.90 -12.34
C THR A 168 0.47 -9.57 -13.77
N HIS A 169 -0.53 -9.50 -14.65
CA HIS A 169 -0.33 -9.04 -16.00
C HIS A 169 -1.66 -8.50 -16.51
N PHE A 170 -1.65 -7.29 -17.05
CA PHE A 170 -2.87 -6.62 -17.48
C PHE A 170 -2.94 -6.62 -19.00
N GLN A 171 -4.10 -7.02 -19.53
CA GLN A 171 -4.37 -6.95 -20.96
C GLN A 171 -5.35 -5.84 -21.31
N THR A 172 -5.95 -5.18 -20.32
CA THR A 172 -6.99 -4.19 -20.54
C THR A 172 -6.72 -2.97 -19.66
N VAL A 173 -7.47 -1.90 -19.94
CA VAL A 173 -7.40 -0.69 -19.12
C VAL A 173 -8.54 -0.60 -18.11
N HIS A 174 -9.49 -1.53 -18.14
CA HIS A 174 -10.66 -1.48 -17.28
C HIS A 174 -10.85 -2.72 -16.42
N GLY A 175 -10.26 -3.86 -16.79
CA GLY A 175 -10.35 -5.06 -15.99
C GLY A 175 -11.33 -6.09 -16.49
N LEU A 176 -11.97 -5.87 -17.63
CA LEU A 176 -12.85 -6.89 -18.19
C LEU A 176 -12.05 -8.17 -18.45
N ASP A 177 -12.74 -9.30 -18.36
CA ASP A 177 -12.07 -10.59 -18.46
C ASP A 177 -11.30 -10.73 -19.75
N ALA A 178 -10.01 -11.05 -19.65
CA ALA A 178 -9.16 -11.29 -20.80
C ALA A 178 -8.39 -12.58 -20.61
N ASP A 179 -8.10 -13.26 -21.72
CA ASP A 179 -7.45 -14.56 -21.64
C ASP A 179 -6.08 -14.47 -20.98
N GLY A 180 -5.36 -13.38 -21.23
CA GLY A 180 -3.98 -13.28 -20.79
C GLY A 180 -3.73 -12.42 -19.57
N GLN A 181 -4.75 -11.83 -18.97
CA GLN A 181 -4.56 -10.93 -17.83
C GLN A 181 -4.96 -11.63 -16.54
N TYR A 182 -4.20 -11.36 -15.48
CA TYR A 182 -4.45 -11.99 -14.20
C TYR A 182 -3.82 -11.12 -13.11
N SER A 183 -4.21 -11.40 -11.88
CA SER A 183 -3.57 -10.81 -10.72
C SER A 183 -3.80 -11.75 -9.54
N SER A 184 -3.56 -11.25 -8.32
CA SER A 184 -3.69 -12.07 -7.13
C SER A 184 -3.94 -11.15 -5.95
N ALA A 185 -4.38 -11.75 -4.85
CA ALA A 185 -4.72 -10.96 -3.67
C ALA A 185 -3.51 -10.20 -3.15
N ARG A 186 -2.35 -10.87 -3.07
CA ARG A 186 -1.13 -10.19 -2.63
C ARG A 186 -0.78 -9.02 -3.55
N ASP A 187 -0.67 -9.30 -4.85
CA ASP A 187 -0.27 -8.25 -5.79
C ASP A 187 -1.24 -7.07 -5.74
N MET A 188 -2.53 -7.35 -5.53
CA MET A 188 -3.51 -6.27 -5.46
C MET A 188 -3.41 -5.53 -4.14
N ALA A 189 -3.11 -6.23 -3.05
CA ALA A 189 -2.83 -5.54 -1.79
C ALA A 189 -1.61 -4.65 -1.92
N LEU A 190 -0.62 -5.07 -2.72
CA LEU A 190 0.58 -4.25 -2.90
C LEU A 190 0.33 -3.09 -3.84
N ILE A 191 -0.47 -3.28 -4.89
CA ILE A 191 -0.83 -2.16 -5.74
C ILE A 191 -1.51 -1.08 -4.92
N GLY A 192 -2.44 -1.47 -4.05
CA GLY A 192 -3.09 -0.50 -3.18
C GLY A 192 -2.10 0.19 -2.27
N GLN A 193 -1.11 -0.55 -1.76
CA GLN A 193 -0.07 0.08 -0.97
C GLN A 193 0.66 1.14 -1.78
N ALA A 194 0.98 0.83 -3.04
CA ALA A 194 1.68 1.80 -3.89
C ALA A 194 0.82 3.02 -4.12
N LEU A 195 -0.49 2.84 -4.32
CA LEU A 195 -1.38 3.98 -4.49
C LEU A 195 -1.29 4.93 -3.31
N ILE A 196 -1.34 4.38 -2.09
CA ILE A 196 -1.28 5.20 -0.90
C ILE A 196 0.09 5.84 -0.75
N ARG A 197 1.14 5.10 -1.13
CA ARG A 197 2.51 5.56 -0.88
C ARG A 197 2.97 6.57 -1.92
N ASP A 198 2.78 6.24 -3.19
CA ASP A 198 3.41 6.97 -4.28
C ASP A 198 2.56 8.10 -4.85
N VAL A 199 1.25 8.01 -4.72
CA VAL A 199 0.36 9.03 -5.28
C VAL A 199 -0.74 9.36 -4.29
N PRO A 200 -0.40 9.90 -3.11
CA PRO A 200 -1.44 10.18 -2.11
C PRO A 200 -2.51 11.16 -2.59
N ASN A 201 -2.17 12.09 -3.49
CA ASN A 201 -3.19 13.00 -4.01
C ASN A 201 -4.25 12.24 -4.81
N GLU A 202 -3.83 11.26 -5.60
CA GLU A 202 -4.79 10.43 -6.31
C GLU A 202 -5.59 9.56 -5.34
N TYR A 203 -4.94 9.08 -4.28
CA TYR A 203 -5.63 8.17 -3.36
C TYR A 203 -6.72 8.89 -2.57
N SER A 204 -6.53 10.16 -2.24
CA SER A 204 -7.53 10.89 -1.48
C SER A 204 -8.90 10.90 -2.16
N ILE A 205 -8.94 10.63 -3.46
CA ILE A 205 -10.22 10.62 -4.18
C ILE A 205 -11.06 9.41 -3.78
N TYR A 206 -10.41 8.30 -3.41
CA TYR A 206 -11.13 7.05 -3.19
C TYR A 206 -12.09 7.12 -2.01
N LYS A 207 -11.98 8.13 -1.14
CA LYS A 207 -12.88 8.25 0.00
C LYS A 207 -14.10 9.13 -0.28
N GLU A 208 -14.17 9.77 -1.44
CA GLU A 208 -15.31 10.62 -1.77
C GLU A 208 -16.56 9.77 -2.01
N LYS A 209 -17.65 10.13 -1.33
CA LYS A 209 -18.85 9.30 -1.39
C LYS A 209 -19.62 9.47 -2.69
N GLU A 210 -19.52 10.64 -3.33
CA GLU A 210 -20.30 10.86 -4.55
C GLU A 210 -19.60 11.90 -5.40
N PHE A 211 -19.96 11.91 -6.68
CA PHE A 211 -19.59 12.97 -7.59
C PHE A 211 -20.69 13.10 -8.62
N THR A 212 -20.79 14.28 -9.22
CA THR A 212 -21.85 14.60 -10.16
C THR A 212 -21.26 14.77 -11.54
N PHE A 213 -21.83 14.06 -12.52
CA PHE A 213 -21.43 14.16 -13.92
C PHE A 213 -22.68 14.34 -14.76
N ASN A 214 -22.76 15.46 -15.47
CA ASN A 214 -23.88 15.72 -16.37
C ASN A 214 -25.19 15.86 -15.60
N GLY A 215 -25.12 16.42 -14.40
CA GLY A 215 -26.31 16.60 -13.58
C GLY A 215 -26.83 15.35 -12.92
N ILE A 216 -26.04 14.28 -12.86
CA ILE A 216 -26.45 13.01 -12.28
C ILE A 216 -25.47 12.66 -11.17
N ARG A 217 -25.99 12.44 -9.96
CA ARG A 217 -25.15 12.07 -8.84
C ARG A 217 -24.84 10.59 -8.91
N GLN A 218 -23.55 10.26 -8.83
CA GLN A 218 -23.07 8.88 -8.84
C GLN A 218 -22.42 8.59 -7.50
N LEU A 219 -22.80 7.47 -6.89
CA LEU A 219 -22.22 7.08 -5.62
C LEU A 219 -20.94 6.27 -5.83
N ASN A 220 -20.04 6.38 -4.86
CA ASN A 220 -18.89 5.49 -4.79
C ASN A 220 -19.37 4.08 -4.46
N ARG A 221 -18.86 3.10 -5.20
CA ARG A 221 -19.31 1.71 -5.04
C ARG A 221 -18.70 1.02 -3.83
N ASN A 222 -17.77 1.67 -3.13
CA ASN A 222 -17.17 1.09 -1.93
C ASN A 222 -18.08 1.38 -0.74
N GLY A 223 -19.02 0.47 -0.50
CA GLY A 223 -20.00 0.65 0.55
C GLY A 223 -19.41 0.71 1.94
N LEU A 224 -18.15 0.31 2.12
CA LEU A 224 -17.54 0.37 3.43
C LEU A 224 -17.25 1.81 3.87
N LEU A 225 -17.25 2.77 2.94
CA LEU A 225 -17.06 4.15 3.35
C LEU A 225 -18.14 4.61 4.32
N TRP A 226 -19.31 3.98 4.25
CA TRP A 226 -20.45 4.34 5.08
C TRP A 226 -20.51 3.56 6.39
N ASP A 227 -19.47 2.78 6.70
CA ASP A 227 -19.49 1.96 7.90
C ASP A 227 -19.06 2.79 9.11
N ASN A 228 -19.88 2.78 10.15
CA ASN A 228 -19.61 3.59 11.33
C ASN A 228 -18.55 2.99 12.25
N SER A 229 -18.33 1.68 12.18
CA SER A 229 -17.38 1.04 13.09
C SER A 229 -15.94 1.18 12.63
N LEU A 230 -15.71 1.31 11.33
CA LEU A 230 -14.37 1.42 10.78
C LEU A 230 -14.15 2.80 10.16
N ASN A 231 -12.87 3.12 9.97
CA ASN A 231 -12.45 4.31 9.23
C ASN A 231 -11.85 3.80 7.92
N VAL A 232 -12.70 3.65 6.90
CA VAL A 232 -12.29 3.14 5.60
C VAL A 232 -12.23 4.31 4.62
N ASP A 233 -11.07 4.52 4.00
CA ASP A 233 -10.91 5.54 2.97
C ASP A 233 -10.48 4.95 1.64
N GLY A 234 -10.57 3.64 1.45
CA GLY A 234 -10.21 3.03 0.20
C GLY A 234 -10.62 1.57 0.15
N ILE A 235 -10.42 0.89 -0.96
CA ILE A 235 -9.83 1.44 -2.18
C ILE A 235 -10.75 1.22 -3.38
N LYS A 236 -10.93 -0.03 -3.83
CA LYS A 236 -11.60 -0.29 -5.08
C LYS A 236 -12.37 -1.60 -5.05
N THR A 237 -13.59 -1.57 -5.59
CA THR A 237 -14.39 -2.78 -5.79
C THR A 237 -14.24 -3.26 -7.23
N GLY A 238 -14.72 -4.48 -7.45
CA GLY A 238 -14.78 -5.04 -8.79
C GLY A 238 -15.58 -6.32 -8.78
N HIS A 239 -16.05 -6.70 -9.98
CA HIS A 239 -16.70 -7.99 -10.13
C HIS A 239 -16.84 -8.29 -11.61
N THR A 240 -16.67 -9.58 -11.95
CA THR A 240 -16.99 -10.11 -13.27
C THR A 240 -17.42 -11.55 -13.09
N ASP A 241 -17.87 -12.16 -14.20
CA ASP A 241 -18.31 -13.55 -14.13
C ASP A 241 -17.15 -14.48 -13.78
N LYS A 242 -15.97 -14.24 -14.34
CA LYS A 242 -14.83 -15.10 -14.08
C LYS A 242 -14.11 -14.76 -12.77
N ALA A 243 -14.26 -13.54 -12.27
CA ALA A 243 -13.52 -13.11 -11.10
C ALA A 243 -14.31 -13.21 -9.79
N GLY A 244 -15.64 -13.26 -9.87
CA GLY A 244 -16.44 -13.15 -8.66
C GLY A 244 -16.46 -11.72 -8.14
N TYR A 245 -16.65 -11.61 -6.82
CA TYR A 245 -16.76 -10.31 -6.16
C TYR A 245 -15.45 -10.00 -5.45
N ASN A 246 -14.80 -8.92 -5.89
CA ASN A 246 -13.48 -8.54 -5.41
C ASN A 246 -13.54 -7.19 -4.69
N LEU A 247 -12.72 -7.03 -3.66
CA LEU A 247 -12.64 -5.77 -2.95
C LEU A 247 -11.25 -5.62 -2.34
N VAL A 248 -10.62 -4.48 -2.61
CA VAL A 248 -9.40 -4.06 -1.92
C VAL A 248 -9.78 -2.88 -1.04
N ALA A 249 -9.67 -3.07 0.26
CA ALA A 249 -10.06 -2.06 1.24
C ALA A 249 -8.86 -1.68 2.09
N SER A 250 -8.96 -0.50 2.70
CA SER A 250 -7.93 0.00 3.61
C SER A 250 -8.62 0.81 4.70
N ALA A 251 -8.22 0.57 5.95
CA ALA A 251 -8.78 1.28 7.09
C ALA A 251 -7.66 1.74 7.98
N THR A 252 -8.00 2.62 8.93
CA THR A 252 -7.04 3.14 9.88
C THR A 252 -7.67 3.15 11.26
N GLU A 253 -6.85 2.86 12.27
CA GLU A 253 -7.23 3.00 13.66
C GLU A 253 -6.05 3.70 14.34
N GLY A 254 -6.22 4.99 14.63
CA GLY A 254 -5.08 5.77 15.07
C GLY A 254 -4.13 5.99 13.90
N GLN A 255 -2.85 5.72 14.12
CA GLN A 255 -1.85 5.81 13.07
C GLN A 255 -1.58 4.47 12.39
N MET A 256 -2.30 3.43 12.80
CA MET A 256 -2.17 2.12 12.18
C MET A 256 -3.06 2.03 10.95
N ARG A 257 -2.52 1.47 9.87
CA ARG A 257 -3.25 1.31 8.62
C ARG A 257 -3.10 -0.11 8.12
N LEU A 258 -4.23 -0.74 7.81
CA LEU A 258 -4.25 -2.08 7.24
C LEU A 258 -4.81 -2.03 5.82
N ILE A 259 -4.37 -2.98 5.01
CA ILE A 259 -4.87 -3.16 3.65
C ILE A 259 -5.32 -4.61 3.52
N SER A 260 -6.56 -4.81 3.12
CA SER A 260 -7.08 -6.13 2.85
C SER A 260 -7.43 -6.23 1.37
N ALA A 261 -7.23 -7.42 0.81
CA ALA A 261 -7.67 -7.72 -0.54
C ALA A 261 -8.45 -9.03 -0.51
N VAL A 262 -9.66 -9.01 -1.07
CA VAL A 262 -10.50 -10.18 -1.18
C VAL A 262 -10.83 -10.38 -2.65
N MET A 263 -10.65 -11.61 -3.13
CA MET A 263 -10.91 -11.94 -4.52
C MET A 263 -11.64 -13.26 -4.60
N GLY A 264 -12.54 -13.37 -5.58
CA GLY A 264 -13.41 -14.52 -5.65
C GLY A 264 -14.50 -14.51 -4.60
N GLY A 265 -15.01 -13.32 -4.27
CA GLY A 265 -16.08 -13.25 -3.29
C GLY A 265 -17.36 -13.90 -3.81
N ARG A 266 -18.17 -14.38 -2.87
CA ARG A 266 -19.35 -15.15 -3.22
C ARG A 266 -20.52 -14.27 -3.62
N THR A 267 -20.70 -13.14 -2.95
CA THR A 267 -21.89 -12.32 -3.16
C THR A 267 -21.51 -10.85 -3.16
N PHE A 268 -22.47 -10.04 -3.61
CA PHE A 268 -22.29 -8.59 -3.65
C PHE A 268 -22.17 -8.01 -2.25
N LYS A 269 -23.10 -8.34 -1.37
CA LYS A 269 -23.02 -7.84 0.00
C LYS A 269 -21.84 -8.46 0.75
N GLY A 270 -21.64 -9.77 0.61
CA GLY A 270 -20.52 -10.44 1.25
C GLY A 270 -19.18 -9.82 0.92
N ARG A 271 -19.07 -9.17 -0.24
CA ARG A 271 -17.86 -8.47 -0.62
C ARG A 271 -17.39 -7.56 0.51
N GLU A 272 -18.28 -6.70 1.01
CA GLU A 272 -17.92 -5.78 2.07
C GLU A 272 -17.91 -6.45 3.45
N ALA A 273 -18.82 -7.40 3.69
CA ALA A 273 -18.88 -8.06 4.98
C ALA A 273 -17.59 -8.83 5.27
N GLU A 274 -17.07 -9.56 4.29
CA GLU A 274 -15.85 -10.34 4.50
C GLU A 274 -14.66 -9.43 4.72
N SER A 275 -14.56 -8.34 3.96
CA SER A 275 -13.46 -7.40 4.18
C SER A 275 -13.57 -6.74 5.54
N LYS A 276 -14.78 -6.48 6.01
CA LYS A 276 -14.93 -5.93 7.34
C LYS A 276 -14.49 -6.94 8.39
N LYS A 277 -14.75 -8.24 8.15
CA LYS A 277 -14.27 -9.27 9.06
C LYS A 277 -12.76 -9.18 9.24
N LEU A 278 -12.02 -9.10 8.12
CA LEU A 278 -10.56 -9.12 8.18
C LEU A 278 -10.02 -7.88 8.88
N LEU A 279 -10.54 -6.70 8.52
CA LEU A 279 -9.98 -5.47 9.06
C LEU A 279 -10.20 -5.39 10.57
N THR A 280 -11.42 -5.66 11.03
CA THR A 280 -11.69 -5.63 12.47
C THR A 280 -10.83 -6.67 13.19
N TRP A 281 -10.71 -7.87 12.62
CA TRP A 281 -9.86 -8.90 13.20
C TRP A 281 -8.41 -8.44 13.26
N GLY A 282 -7.93 -7.78 12.20
CA GLY A 282 -6.56 -7.32 12.19
C GLY A 282 -6.30 -6.28 13.27
N PHE A 283 -7.25 -5.37 13.48
CA PHE A 283 -7.07 -4.34 14.49
C PHE A 283 -7.26 -4.87 15.90
N ARG A 284 -8.00 -5.95 16.09
CA ARG A 284 -8.24 -6.45 17.43
C ARG A 284 -7.05 -7.23 17.96
N PHE A 285 -6.28 -7.88 17.08
CA PHE A 285 -5.22 -8.77 17.51
C PHE A 285 -3.82 -8.28 17.19
N PHE A 286 -3.68 -7.18 16.46
CA PHE A 286 -2.36 -6.68 16.08
C PHE A 286 -2.29 -5.18 16.28
N GLU A 287 -1.09 -4.69 16.59
CA GLU A 287 -0.82 -3.28 16.74
C GLU A 287 0.49 -2.95 16.05
N THR A 288 0.51 -1.83 15.34
CA THR A 288 1.74 -1.34 14.72
C THR A 288 2.38 -0.31 15.65
N VAL A 289 3.67 -0.49 15.91
CA VAL A 289 4.41 0.39 16.82
C VAL A 289 5.59 0.97 16.07
N ASN A 290 5.99 2.18 16.47
CA ASN A 290 7.11 2.90 15.85
C ASN A 290 8.16 3.13 16.93
N PRO A 291 9.00 2.12 17.21
CA PRO A 291 9.91 2.22 18.35
C PRO A 291 10.99 3.27 18.19
N LEU A 292 11.67 3.29 17.05
CA LEU A 292 12.76 4.22 16.80
C LEU A 292 12.54 4.91 15.47
N LYS A 293 12.69 6.23 15.46
CA LYS A 293 12.66 7.02 14.25
C LYS A 293 14.06 7.56 13.96
N VAL A 294 14.22 8.14 12.78
CA VAL A 294 15.52 8.67 12.38
C VAL A 294 15.94 9.75 13.37
N GLY A 295 17.25 9.83 13.63
CA GLY A 295 17.79 10.85 14.49
C GLY A 295 17.75 10.54 15.97
N LYS A 296 16.90 9.61 16.40
CA LYS A 296 16.81 9.26 17.82
C LYS A 296 17.98 8.35 18.18
N GLU A 297 18.78 8.77 19.16
CA GLU A 297 19.90 7.96 19.62
C GLU A 297 19.38 6.69 20.30
N PHE A 298 19.80 5.54 19.77
CA PHE A 298 19.44 4.24 20.34
C PHE A 298 20.55 3.64 21.19
N ALA A 299 21.80 3.95 20.89
CA ALA A 299 22.92 3.47 21.69
C ALA A 299 24.10 4.39 21.45
N SER A 300 25.08 4.31 22.36
CA SER A 300 26.33 5.02 22.23
C SER A 300 27.47 4.04 22.42
N GLU A 301 28.46 4.11 21.55
CA GLU A 301 29.66 3.32 21.68
C GLU A 301 30.89 4.22 21.61
N PRO A 302 32.01 3.79 22.18
CA PRO A 302 33.21 4.62 22.13
C PRO A 302 33.85 4.64 20.74
N VAL A 303 34.48 5.76 20.41
CA VAL A 303 35.14 5.95 19.13
C VAL A 303 36.61 6.28 19.37
N TRP A 304 37.49 5.61 18.63
CA TRP A 304 38.92 5.87 18.68
C TRP A 304 39.32 6.77 17.51
N PHE A 305 40.29 7.65 17.77
CA PHE A 305 40.94 8.46 16.75
C PHE A 305 40.04 9.52 16.15
N GLY A 306 38.96 9.88 16.82
CA GLY A 306 37.96 10.77 16.26
C GLY A 306 37.93 12.10 16.97
N ASP A 307 37.26 13.05 16.32
CA ASP A 307 37.03 14.36 16.90
C ASP A 307 36.24 14.25 18.21
N SER A 308 35.37 13.26 18.32
CA SER A 308 34.64 12.98 19.53
C SER A 308 34.97 11.58 20.02
N ASP A 309 34.66 11.32 21.29
CA ASP A 309 34.97 10.04 21.90
C ASP A 309 33.81 9.05 21.87
N ARG A 310 32.61 9.49 21.50
CA ARG A 310 31.44 8.62 21.47
C ARG A 310 30.65 8.90 20.20
N ALA A 311 30.06 7.84 19.65
CA ALA A 311 29.19 7.94 18.48
C ALA A 311 27.73 7.73 18.90
N SER A 312 26.83 8.43 18.22
CA SER A 312 25.39 8.32 18.45
C SER A 312 24.80 7.43 17.37
N LEU A 313 24.29 6.27 17.78
CA LEU A 313 23.84 5.25 16.84
C LEU A 313 22.32 5.17 16.83
N GLY A 314 21.76 5.05 15.63
CA GLY A 314 20.32 4.93 15.44
C GLY A 314 19.95 4.20 14.18
N VAL A 315 18.99 4.74 13.43
CA VAL A 315 18.55 4.15 12.18
C VAL A 315 18.39 5.27 11.15
N ASP A 316 18.61 4.93 9.88
CA ASP A 316 18.40 5.88 8.79
C ASP A 316 17.00 5.80 8.21
N LYS A 317 16.35 4.64 8.28
CA LYS A 317 14.96 4.48 7.89
C LYS A 317 14.11 4.20 9.12
N ASP A 318 12.98 4.88 9.22
CA ASP A 318 12.12 4.73 10.38
C ASP A 318 11.65 3.29 10.52
N VAL A 319 11.47 2.86 11.77
CA VAL A 319 11.13 1.48 12.09
C VAL A 319 9.64 1.38 12.35
N TYR A 320 8.99 0.40 11.72
CA TYR A 320 7.59 0.07 11.98
C TYR A 320 7.50 -1.43 12.23
N LEU A 321 6.91 -1.81 13.36
CA LEU A 321 6.78 -3.20 13.75
C LEU A 321 5.32 -3.50 14.06
N THR A 322 4.81 -4.59 13.49
CA THR A 322 3.45 -5.06 13.74
C THR A 322 3.51 -6.24 14.69
N ILE A 323 2.96 -6.06 15.88
CA ILE A 323 3.08 -7.05 16.96
C ILE A 323 1.69 -7.38 17.49
N PRO A 324 1.56 -8.46 18.24
CA PRO A 324 0.28 -8.73 18.91
C PRO A 324 -0.09 -7.57 19.83
N ARG A 325 -1.33 -7.12 19.72
CA ARG A 325 -1.78 -5.96 20.48
C ARG A 325 -1.61 -6.21 21.98
N GLY A 326 -1.05 -5.22 22.67
CA GLY A 326 -0.82 -5.31 24.09
C GLY A 326 0.56 -5.77 24.50
N ARG A 327 1.40 -6.20 23.55
CA ARG A 327 2.72 -6.71 23.86
C ARG A 327 3.82 -5.69 23.62
N MET A 328 3.48 -4.41 23.41
CA MET A 328 4.52 -3.40 23.27
C MET A 328 5.27 -3.19 24.57
N LYS A 329 4.59 -3.36 25.71
CA LYS A 329 5.27 -3.20 27.00
C LYS A 329 6.33 -4.26 27.21
N ASP A 330 6.18 -5.44 26.59
CA ASP A 330 7.13 -6.53 26.72
C ASP A 330 8.17 -6.55 25.60
N LEU A 331 8.16 -5.55 24.72
CA LEU A 331 9.07 -5.54 23.58
C LEU A 331 10.45 -5.12 24.03
N LYS A 332 11.45 -5.95 23.72
CA LYS A 332 12.82 -5.71 24.13
C LYS A 332 13.69 -5.52 22.89
N ALA A 333 14.67 -4.63 23.00
CA ALA A 333 15.55 -4.29 21.89
C ALA A 333 17.01 -4.33 22.35
N SER A 334 17.86 -4.94 21.53
CA SER A 334 19.30 -4.99 21.77
C SER A 334 19.98 -4.69 20.45
N TYR A 335 21.27 -5.00 20.36
CA TYR A 335 22.00 -4.75 19.12
C TYR A 335 23.35 -5.45 19.17
N VAL A 336 23.89 -5.77 18.00
CA VAL A 336 25.24 -6.29 17.85
C VAL A 336 26.02 -5.31 16.98
N LEU A 337 27.34 -5.41 17.04
CA LEU A 337 28.22 -4.55 16.27
C LEU A 337 29.01 -5.38 15.26
N ASN A 338 29.29 -4.78 14.11
CA ASN A 338 30.08 -5.42 13.08
C ASN A 338 31.58 -5.41 13.38
N SER A 339 32.00 -4.63 14.38
CA SER A 339 33.41 -4.42 14.64
C SER A 339 33.63 -4.34 16.15
N SER A 340 34.83 -4.75 16.58
CA SER A 340 35.19 -4.67 17.98
C SER A 340 35.33 -3.22 18.43
N GLU A 341 35.85 -2.36 17.55
CA GLU A 341 36.07 -0.96 17.86
C GLU A 341 35.51 -0.11 16.71
N LEU A 342 35.14 1.12 17.04
CA LEU A 342 34.78 2.11 16.03
C LEU A 342 35.97 3.05 15.85
N HIS A 343 36.40 3.23 14.61
CA HIS A 343 37.51 4.11 14.29
C HIS A 343 37.00 5.27 13.46
N ALA A 344 37.42 6.48 13.80
CA ALA A 344 37.12 7.64 12.97
C ALA A 344 37.99 7.57 11.73
N PRO A 345 37.55 8.19 10.62
CA PRO A 345 36.30 8.94 10.48
C PRO A 345 35.09 8.03 10.36
N LEU A 346 33.95 8.49 10.87
CA LEU A 346 32.68 7.79 10.73
C LEU A 346 31.75 8.66 9.89
N GLN A 347 31.37 8.16 8.72
CA GLN A 347 30.47 8.91 7.85
C GLN A 347 29.04 8.86 8.37
N LYS A 348 28.26 9.85 7.98
CA LYS A 348 26.84 9.89 8.36
C LYS A 348 26.10 8.71 7.75
N ASN A 349 25.22 8.10 8.54
CA ASN A 349 24.45 6.92 8.12
C ASN A 349 25.36 5.78 7.71
N GLN A 350 26.43 5.57 8.48
CA GLN A 350 27.37 4.49 8.23
C GLN A 350 26.94 3.28 9.05
N VAL A 351 26.83 2.12 8.39
CA VAL A 351 26.41 0.91 9.07
C VAL A 351 27.55 0.40 9.94
N VAL A 352 27.22 0.12 11.21
CA VAL A 352 28.19 -0.42 12.16
C VAL A 352 27.67 -1.62 12.91
N GLY A 353 26.41 -2.00 12.72
CA GLY A 353 25.87 -3.15 13.42
C GLY A 353 24.42 -3.37 13.04
N THR A 354 23.76 -4.23 13.80
CA THR A 354 22.38 -4.61 13.55
C THR A 354 21.59 -4.49 14.84
N ILE A 355 20.38 -3.93 14.73
CA ILE A 355 19.45 -3.86 15.85
C ILE A 355 18.55 -5.08 15.82
N ASN A 356 18.34 -5.69 16.98
CA ASN A 356 17.49 -6.87 17.12
C ASN A 356 16.37 -6.56 18.09
N PHE A 357 15.13 -6.64 17.61
CA PHE A 357 13.95 -6.43 18.44
C PHE A 357 13.42 -7.79 18.87
N GLN A 358 13.32 -7.98 20.18
CA GLN A 358 12.96 -9.27 20.75
C GLN A 358 11.58 -9.21 21.38
N LEU A 359 10.79 -10.25 21.13
CA LEU A 359 9.52 -10.44 21.81
C LEU A 359 9.46 -11.88 22.29
N ASP A 360 9.41 -12.06 23.62
CA ASP A 360 9.40 -13.39 24.21
C ASP A 360 10.70 -14.13 23.92
N GLY A 361 11.82 -13.40 24.01
CA GLY A 361 13.11 -13.99 23.79
C GLY A 361 13.40 -14.42 22.37
N LYS A 362 12.61 -13.95 21.41
CA LYS A 362 12.78 -14.32 20.01
C LYS A 362 12.89 -13.06 19.17
N THR A 363 13.90 -13.01 18.30
CA THR A 363 14.07 -11.88 17.42
C THR A 363 12.98 -11.86 16.36
N ILE A 364 12.25 -10.75 16.28
CA ILE A 364 11.13 -10.62 15.35
C ILE A 364 11.45 -9.71 14.17
N GLU A 365 12.38 -8.78 14.31
CA GLU A 365 12.73 -7.89 13.22
C GLU A 365 14.15 -7.38 13.43
N GLN A 366 14.82 -7.08 12.32
CA GLN A 366 16.18 -6.56 12.33
C GLN A 366 16.29 -5.36 11.42
N ARG A 367 17.08 -4.37 11.84
CA ARG A 367 17.30 -3.17 11.06
C ARG A 367 18.76 -2.76 11.22
N PRO A 368 19.35 -2.10 10.22
CA PRO A 368 20.76 -1.71 10.33
C PRO A 368 20.96 -0.61 11.36
N LEU A 369 22.02 -0.74 12.15
CA LEU A 369 22.43 0.28 13.10
C LEU A 369 23.44 1.18 12.42
N VAL A 370 23.17 2.49 12.41
CA VAL A 370 23.95 3.44 11.64
C VAL A 370 24.46 4.56 12.53
N VAL A 371 25.47 5.27 12.02
CA VAL A 371 25.97 6.49 12.64
C VAL A 371 25.08 7.65 12.24
N LEU A 372 24.56 8.37 13.23
CA LEU A 372 23.65 9.48 12.95
C LEU A 372 24.42 10.72 12.53
N GLN A 373 25.34 11.19 13.37
CA GLN A 373 26.17 12.35 13.08
C GLN A 373 27.59 11.88 12.77
N GLU A 374 28.15 12.38 11.68
CA GLU A 374 29.49 11.96 11.27
C GLU A 374 30.53 12.47 12.26
N ILE A 375 31.64 11.75 12.33
CA ILE A 375 32.73 12.08 13.25
C ILE A 375 34.03 12.12 12.46
N PRO A 376 34.59 13.29 12.17
CA PRO A 376 35.84 13.35 11.38
C PRO A 376 37.03 12.88 12.19
N GLU A 377 38.16 12.75 11.50
CA GLU A 377 39.38 12.28 12.14
C GLU A 377 39.84 13.28 13.19
N GLY A 378 40.26 12.76 14.34
CA GLY A 378 40.81 13.62 15.37
C GLY A 378 42.20 14.11 14.99
N ASN A 379 42.45 15.38 15.30
CA ASN A 379 43.72 16.01 15.01
C ASN A 379 44.46 16.33 16.30
N PHE A 380 45.78 16.41 16.19
CA PHE A 380 46.65 16.74 17.31
C PHE A 380 47.35 18.05 17.03
N PHE A 381 47.42 18.90 18.05
CA PHE A 381 48.13 20.18 17.94
C PHE A 381 49.62 19.96 17.74
N01 OK3 B . -22.72 -9.34 -15.94
C02 OK3 B . -21.38 -9.68 -16.32
C03 OK3 B . -20.46 -8.45 -16.12
C04 OK3 B . -19.95 -8.18 -14.89
C05 OK3 B . -19.12 -7.07 -14.71
C06 OK3 B . -18.83 -6.24 -15.77
C07 OK3 B . -19.36 -6.51 -17.02
C08 OK3 B . -20.17 -7.61 -17.20
C09 OK3 B . -17.90 -4.98 -15.55
O10 OK3 B . -17.62 -4.31 -16.43
N11 OK3 B . -17.37 -4.67 -14.20
C12 OK3 B . -16.50 -3.48 -13.99
C13 OK3 B . -17.41 -2.28 -14.06
C14 OK3 B . -18.34 -2.32 -12.82
C15 OK3 B . -17.81 -2.77 -11.62
O16 OK3 B . -16.40 -3.15 -11.51
B17 OK3 B . -15.78 -3.65 -12.62
O18 OK3 B . -15.59 -5.00 -12.43
C20 OK3 B . -18.62 -2.81 -10.46
C21 OK3 B . -19.97 -2.45 -10.53
C22 OK3 B . -20.52 -2.01 -11.75
C23 OK3 B . -19.72 -1.96 -12.90
C24 OK3 B . -18.02 -3.29 -9.11
O25 OK3 B . -17.78 -2.46 -8.19
O26 OK3 B . -17.76 -4.52 -8.95
#